data_1KEM
#
_entry.id   1KEM
#
_cell.length_a   47.200
_cell.length_b   58.600
_cell.length_c   43.400
_cell.angle_alpha   95.30
_cell.angle_beta   103.20
_cell.angle_gamma   93.60
#
_symmetry.space_group_name_H-M   'P 1'
#
loop_
_entity.id
_entity.type
_entity.pdbx_description
1 polymer '28B4 FAB'
2 polymer '28B4 FAB'
#
loop_
_entity_poly.entity_id
_entity_poly.type
_entity_poly.pdbx_seq_one_letter_code
_entity_poly.pdbx_strand_id
1 'polypeptide(L)'
;DVLMTQTPLSLPVSLGDQASISCRFSQSIVHSNGNTYLEWYLQKSGQSPKLLIYKVSNRFSGVPDRFSGSGSGTDFTLKI
SRVEAEDLGVYYCFQGSHVPRTFGGGTKLEIKRADAAPTVSIFPPSSEQLTSGGASVVCFLNNFYPKDINVKWKIDGSER
QNGVLNSWTDQDSKDSTYSMSSTLTLTKDEYERHNSYTCEATHKTSTSPIVKSFNRN
;
L
2 'polypeptide(L)'
;EVKLVESGGGLGQPGGSLRLSCATSGFTFTDYYFNWARQPPGKALEWLGFIRNKAKGYTTEYSASVKGRFTISRDNSQGI
LYLQMNTLRAEDSATYYCARWGSYAMDYWGQGTSVTVSSAKTTPPSVYPLAPGSAAQTNSMVTLGCLVKGYFPEPVTVTW
NSGSLSSGVHTFPAVLQSDLYTLSSSVTVPSSPRPSETVTCNVAHPASSTKVDKKIVP
;
H
#
# COMPACT_ATOMS: atom_id res chain seq x y z
N ASP A 1 3.29 -25.45 13.44
CA ASP A 1 2.67 -25.06 12.15
C ASP A 1 1.17 -24.68 12.32
N VAL A 2 0.91 -23.76 13.24
CA VAL A 2 -0.45 -23.32 13.50
C VAL A 2 -0.81 -22.30 12.42
N LEU A 3 -1.56 -22.75 11.42
CA LEU A 3 -2.00 -21.89 10.30
C LEU A 3 -3.16 -20.97 10.74
N MET A 4 -2.92 -19.66 10.67
CA MET A 4 -3.91 -18.65 11.08
C MET A 4 -4.81 -18.18 9.95
N THR A 5 -6.02 -17.80 10.29
CA THR A 5 -6.94 -17.28 9.29
C THR A 5 -7.81 -16.18 9.89
N GLN A 6 -7.54 -14.95 9.44
CA GLN A 6 -8.28 -13.77 9.89
C GLN A 6 -9.29 -13.31 8.82
N THR A 7 -10.48 -12.94 9.24
CA THR A 7 -11.47 -12.50 8.26
C THR A 7 -12.32 -11.39 8.84
N PRO A 8 -12.91 -10.56 7.97
CA PRO A 8 -12.73 -10.70 6.52
C PRO A 8 -11.53 -9.88 6.08
N LEU A 9 -11.11 -10.04 4.82
CA LEU A 9 -9.98 -9.25 4.33
C LEU A 9 -10.42 -7.79 4.31
N SER A 10 -11.65 -7.54 3.85
CA SER A 10 -12.18 -6.18 3.81
C SER A 10 -13.52 -6.05 4.50
N LEU A 11 -13.74 -4.95 5.20
CA LEU A 11 -15.00 -4.77 5.89
C LEU A 11 -15.66 -3.39 5.75
N PRO A 12 -16.72 -3.32 4.92
CA PRO A 12 -17.54 -2.16 4.59
C PRO A 12 -18.36 -1.79 5.82
N VAL A 13 -18.38 -0.54 6.23
CA VAL A 13 -19.17 -0.21 7.40
C VAL A 13 -19.74 1.19 7.31
N SER A 14 -20.82 1.44 8.02
CA SER A 14 -21.40 2.76 8.03
C SER A 14 -21.05 3.20 9.43
N LEU A 15 -20.62 4.44 9.58
CA LEU A 15 -20.26 4.93 10.90
C LEU A 15 -21.42 4.75 11.85
N GLY A 16 -21.09 4.31 13.07
CA GLY A 16 -22.08 4.07 14.09
C GLY A 16 -22.38 2.59 14.20
N ASP A 17 -22.24 1.86 13.10
CA ASP A 17 -22.51 0.43 13.07
C ASP A 17 -21.50 -0.39 13.88
N GLN A 18 -21.78 -1.66 14.04
CA GLN A 18 -20.93 -2.58 14.78
C GLN A 18 -20.12 -3.35 13.77
N ALA A 19 -18.92 -3.75 14.17
CA ALA A 19 -18.06 -4.53 13.29
C ALA A 19 -17.57 -5.71 14.10
N SER A 20 -17.22 -6.77 13.41
CA SER A 20 -16.70 -7.96 14.05
C SER A 20 -15.73 -8.56 13.09
N ILE A 21 -14.50 -8.70 13.57
CA ILE A 21 -13.41 -9.30 12.81
C ILE A 21 -13.09 -10.55 13.59
N SER A 22 -12.79 -11.62 12.87
CA SER A 22 -12.46 -12.87 13.53
C SER A 22 -11.08 -13.37 13.15
N CYS A 23 -10.45 -14.07 14.09
CA CYS A 23 -9.13 -14.63 13.91
C CYS A 23 -9.36 -16.09 14.38
N ARG A 24 -9.01 -17.06 13.54
CA ARG A 24 -9.21 -18.47 13.89
C ARG A 24 -7.98 -19.26 13.53
N PHE A 25 -7.71 -20.32 14.28
CA PHE A 25 -6.55 -21.15 14.06
C PHE A 25 -6.90 -22.63 13.85
N SER A 26 -6.07 -23.33 13.10
CA SER A 26 -6.27 -24.74 12.81
C SER A 26 -6.13 -25.55 14.10
N GLN A 27 -5.27 -25.07 14.98
CA GLN A 27 -4.97 -25.72 16.24
C GLN A 27 -5.10 -24.69 17.35
N SER A 28 -5.17 -25.14 18.58
CA SER A 28 -5.31 -24.26 19.70
C SER A 28 -3.98 -23.56 19.97
N ILE A 29 -4.05 -22.27 20.27
CA ILE A 29 -2.85 -21.50 20.51
C ILE A 29 -2.63 -21.18 22.00
N VAL A 30 -3.26 -21.97 22.87
CA VAL A 30 -3.12 -21.82 24.31
C VAL A 30 -1.69 -22.24 24.59
N HIS A 31 -1.00 -21.49 25.43
CA HIS A 31 0.38 -21.81 25.76
C HIS A 31 0.46 -22.83 26.90
N SER A 32 1.62 -23.46 27.06
CA SER A 32 1.82 -24.46 28.11
C SER A 32 1.48 -23.87 29.48
N ASN A 33 1.83 -22.60 29.67
CA ASN A 33 1.58 -21.93 30.95
C ASN A 33 0.11 -21.60 31.22
N GLY A 34 -0.77 -21.96 30.30
CA GLY A 34 -2.18 -21.67 30.49
C GLY A 34 -2.64 -20.41 29.81
N ASN A 35 -1.74 -19.47 29.57
CA ASN A 35 -2.12 -18.21 28.95
C ASN A 35 -2.31 -18.30 27.44
N THR A 36 -3.03 -17.33 26.92
CA THR A 36 -3.27 -17.22 25.48
C THR A 36 -2.83 -15.82 25.06
N TYR A 37 -1.77 -15.79 24.28
CA TYR A 37 -1.18 -14.55 23.84
C TYR A 37 -1.71 -14.13 22.47
N LEU A 38 -3.02 -13.81 22.41
CA LEU A 38 -3.65 -13.38 21.15
C LEU A 38 -3.84 -11.90 21.30
N GLU A 39 -3.27 -11.16 20.36
CA GLU A 39 -3.30 -9.72 20.36
C GLU A 39 -3.98 -9.14 19.14
N TRP A 40 -4.40 -7.89 19.30
CA TRP A 40 -5.06 -7.16 18.23
C TRP A 40 -4.41 -5.79 18.10
N TYR A 41 -3.88 -5.54 16.92
CA TYR A 41 -3.22 -4.28 16.60
C TYR A 41 -3.98 -3.49 15.55
N LEU A 42 -3.92 -2.18 15.69
CA LEU A 42 -4.53 -1.28 14.73
C LEU A 42 -3.47 -0.42 14.03
N GLN A 43 -3.32 -0.61 12.73
CA GLN A 43 -2.40 0.21 11.98
C GLN A 43 -3.16 1.10 11.01
N LYS A 44 -3.11 2.40 11.25
CA LYS A 44 -3.75 3.35 10.37
C LYS A 44 -2.80 3.75 9.25
N SER A 45 -3.33 4.44 8.24
CA SER A 45 -2.55 4.88 7.08
C SER A 45 -1.46 5.80 7.58
N GLY A 46 -0.23 5.42 7.30
CA GLY A 46 0.94 6.20 7.72
C GLY A 46 1.25 6.30 9.19
N GLN A 47 0.71 5.39 10.00
CA GLN A 47 0.99 5.42 11.43
C GLN A 47 1.59 4.10 11.82
N SER A 48 2.20 4.08 13.00
CA SER A 48 2.81 2.87 13.53
C SER A 48 1.64 2.07 14.12
N PRO A 49 1.79 0.75 14.20
CA PRO A 49 0.71 -0.05 14.76
C PRO A 49 0.49 0.29 16.23
N LYS A 50 -0.75 0.19 16.67
CA LYS A 50 -1.10 0.46 18.04
C LYS A 50 -1.78 -0.81 18.64
N LEU A 51 -1.47 -1.13 19.87
CA LEU A 51 -2.06 -2.28 20.53
C LEU A 51 -3.46 -1.93 21.02
N LEU A 52 -4.41 -2.79 20.75
CA LEU A 52 -5.78 -2.56 21.20
C LEU A 52 -6.09 -3.48 22.39
N ILE A 53 -5.87 -4.77 22.18
CA ILE A 53 -6.14 -5.80 23.18
C ILE A 53 -4.97 -6.78 23.23
N TYR A 54 -4.69 -7.32 24.42
CA TYR A 54 -3.65 -8.33 24.60
C TYR A 54 -4.27 -9.50 25.38
N LYS A 55 -3.62 -10.65 25.32
CA LYS A 55 -4.10 -11.87 25.98
C LYS A 55 -5.62 -12.08 25.81
N VAL A 56 -6.01 -12.14 24.53
CA VAL A 56 -7.37 -12.38 24.03
C VAL A 56 -8.48 -11.41 24.37
N SER A 57 -8.54 -10.94 25.62
CA SER A 57 -9.60 -10.05 26.09
C SER A 57 -9.16 -8.87 26.92
N ASN A 58 -7.85 -8.66 27.02
CA ASN A 58 -7.40 -7.55 27.84
C ASN A 58 -7.19 -6.29 27.02
N ARG A 59 -8.05 -5.32 27.24
CA ARG A 59 -7.97 -4.07 26.53
C ARG A 59 -6.80 -3.28 27.09
N PHE A 60 -5.86 -2.89 26.23
CA PHE A 60 -4.69 -2.11 26.64
C PHE A 60 -5.14 -0.73 27.11
N SER A 61 -4.28 -0.08 27.88
CA SER A 61 -4.60 1.24 28.39
C SER A 61 -4.84 2.23 27.28
N GLY A 62 -5.86 3.07 27.43
CA GLY A 62 -6.15 4.09 26.44
C GLY A 62 -7.13 3.71 25.35
N VAL A 63 -7.26 2.41 25.10
CA VAL A 63 -8.17 1.86 24.10
C VAL A 63 -9.62 2.03 24.56
N PRO A 64 -10.47 2.67 23.74
CA PRO A 64 -11.87 2.88 24.12
C PRO A 64 -12.61 1.60 24.50
N ASP A 65 -13.67 1.72 25.27
CA ASP A 65 -14.44 0.57 25.69
C ASP A 65 -15.37 0.00 24.62
N ARG A 66 -15.38 0.61 23.43
CA ARG A 66 -16.23 0.10 22.36
C ARG A 66 -15.50 -1.02 21.62
N PHE A 67 -14.20 -1.20 21.90
CA PHE A 67 -13.40 -2.26 21.30
C PHE A 67 -13.45 -3.49 22.18
N SER A 68 -13.91 -4.62 21.67
CA SER A 68 -13.98 -5.85 22.48
C SER A 68 -13.34 -7.05 21.84
N GLY A 69 -12.60 -7.84 22.62
CA GLY A 69 -11.99 -9.04 22.06
C GLY A 69 -12.57 -10.28 22.78
N SER A 70 -12.69 -11.45 22.12
CA SER A 70 -13.14 -12.67 22.71
C SER A 70 -12.70 -13.94 22.00
N GLY A 71 -13.05 -15.07 22.62
CA GLY A 71 -12.69 -16.37 22.09
C GLY A 71 -11.76 -17.12 23.00
N SER A 72 -11.40 -18.29 22.57
CA SER A 72 -10.48 -19.09 23.32
C SER A 72 -10.19 -20.28 22.48
N GLY A 73 -8.96 -20.74 22.58
CA GLY A 73 -8.54 -21.90 21.85
C GLY A 73 -8.19 -21.71 20.41
N THR A 74 -9.19 -21.85 19.54
CA THR A 74 -9.02 -21.76 18.10
C THR A 74 -9.79 -20.61 17.38
N ASP A 75 -10.83 -20.09 17.99
CA ASP A 75 -11.59 -19.03 17.35
C ASP A 75 -11.62 -17.81 18.25
N PHE A 76 -11.27 -16.65 17.73
CA PHE A 76 -11.28 -15.41 18.51
C PHE A 76 -12.01 -14.31 17.76
N THR A 77 -12.39 -13.24 18.44
CA THR A 77 -13.10 -12.16 17.81
C THR A 77 -12.88 -10.76 18.38
N LEU A 78 -12.64 -9.80 17.49
CA LEU A 78 -12.51 -8.40 17.87
C LEU A 78 -13.88 -7.89 17.47
N LYS A 79 -14.39 -6.90 18.18
CA LYS A 79 -15.73 -6.45 17.89
C LYS A 79 -15.85 -5.00 18.25
N ILE A 80 -15.93 -4.16 17.23
CA ILE A 80 -16.04 -2.75 17.50
C ILE A 80 -17.53 -2.47 17.71
N SER A 81 -17.86 -2.36 18.97
CA SER A 81 -19.21 -2.14 19.41
C SER A 81 -19.57 -0.67 19.31
N ARG A 82 -19.63 -0.18 18.06
CA ARG A 82 -19.95 1.21 17.63
C ARG A 82 -18.80 1.89 16.86
N VAL A 83 -18.60 1.48 15.60
CA VAL A 83 -17.56 2.06 14.75
C VAL A 83 -17.59 3.59 14.62
N GLU A 84 -16.42 4.19 14.66
CA GLU A 84 -16.28 5.63 14.58
C GLU A 84 -15.25 5.98 13.48
N ALA A 85 -15.37 7.17 12.89
CA ALA A 85 -14.44 7.59 11.81
C ALA A 85 -12.96 7.34 12.11
N GLU A 86 -12.61 7.52 13.38
CA GLU A 86 -11.26 7.37 13.87
C GLU A 86 -10.77 5.95 13.99
N ASP A 87 -11.61 4.98 13.60
CA ASP A 87 -11.22 3.58 13.70
C ASP A 87 -10.85 3.03 12.34
N LEU A 88 -11.22 3.76 11.30
CA LEU A 88 -10.92 3.30 9.96
C LEU A 88 -9.41 3.10 9.84
N GLY A 89 -9.03 1.87 9.55
CA GLY A 89 -7.63 1.54 9.44
C GLY A 89 -7.55 0.07 9.10
N VAL A 90 -6.36 -0.51 9.23
CA VAL A 90 -6.19 -1.93 8.96
C VAL A 90 -6.00 -2.60 10.32
N TYR A 91 -6.74 -3.68 10.56
CA TYR A 91 -6.69 -4.42 11.82
C TYR A 91 -6.01 -5.75 11.66
N TYR A 92 -5.10 -6.06 12.57
CA TYR A 92 -4.36 -7.34 12.53
C TYR A 92 -4.45 -8.09 13.87
N CYS A 93 -4.66 -9.40 13.79
CA CYS A 93 -4.63 -10.16 15.03
C CYS A 93 -3.20 -10.72 15.01
N PHE A 94 -2.68 -11.10 16.18
CA PHE A 94 -1.33 -11.61 16.28
C PHE A 94 -1.13 -12.54 17.49
N GLN A 95 -0.30 -13.54 17.31
CA GLN A 95 0.07 -14.45 18.39
C GLN A 95 1.51 -14.79 18.03
N GLY A 96 2.40 -14.84 19.01
CA GLY A 96 3.78 -15.18 18.68
C GLY A 96 4.31 -16.32 19.51
N SER A 97 3.40 -17.06 20.12
CA SER A 97 3.78 -18.17 20.96
C SER A 97 3.90 -19.47 20.19
N HIS A 98 3.32 -19.50 18.99
CA HIS A 98 3.33 -20.70 18.15
C HIS A 98 3.76 -20.44 16.72
N VAL A 99 4.58 -21.33 16.21
CA VAL A 99 5.06 -21.25 14.85
C VAL A 99 3.93 -21.75 13.94
N PRO A 100 3.64 -21.03 12.84
CA PRO A 100 4.30 -19.80 12.42
C PRO A 100 3.81 -18.54 13.13
N ARG A 101 4.75 -17.78 13.70
CA ARG A 101 4.42 -16.54 14.39
C ARG A 101 4.11 -15.49 13.33
N THR A 102 3.00 -14.77 13.47
CA THR A 102 2.65 -13.82 12.44
C THR A 102 1.43 -12.97 12.66
N PHE A 103 1.33 -11.95 11.81
CA PHE A 103 0.21 -11.03 11.76
C PHE A 103 -0.79 -11.67 10.77
N GLY A 104 -2.06 -11.41 10.94
CA GLY A 104 -3.02 -11.93 10.00
C GLY A 104 -2.97 -10.99 8.81
N GLY A 105 -3.42 -11.47 7.64
CA GLY A 105 -3.44 -10.68 6.40
C GLY A 105 -4.06 -9.32 6.60
N GLY A 106 -4.79 -9.17 7.69
CA GLY A 106 -5.39 -7.90 7.99
C GLY A 106 -6.81 -7.85 7.53
N THR A 107 -7.50 -6.88 8.10
CA THR A 107 -8.90 -6.61 7.83
C THR A 107 -8.93 -5.10 7.69
N LYS A 108 -9.25 -4.62 6.50
CA LYS A 108 -9.30 -3.19 6.30
C LYS A 108 -10.71 -2.73 6.49
N LEU A 109 -10.88 -1.78 7.39
CA LEU A 109 -12.19 -1.24 7.71
C LEU A 109 -12.51 -0.03 6.86
N GLU A 110 -13.27 -0.24 5.77
CA GLU A 110 -13.65 0.84 4.86
C GLU A 110 -15.10 1.29 4.99
N ILE A 111 -15.38 2.52 4.57
CA ILE A 111 -16.73 3.06 4.64
C ILE A 111 -17.67 2.58 3.51
N LYS A 112 -18.87 2.19 3.92
CA LYS A 112 -19.90 1.64 3.05
C LYS A 112 -20.67 2.74 2.31
N ARG A 113 -20.86 2.54 1.02
CA ARG A 113 -21.62 3.47 0.20
C ARG A 113 -22.36 2.70 -0.87
N ALA A 114 -23.19 3.42 -1.64
CA ALA A 114 -23.96 2.79 -2.71
C ALA A 114 -23.03 2.46 -3.85
N ASP A 115 -23.35 1.39 -4.55
CA ASP A 115 -22.51 0.99 -5.65
C ASP A 115 -22.49 2.07 -6.74
N ALA A 116 -21.44 2.04 -7.55
CA ALA A 116 -21.28 3.02 -8.62
C ALA A 116 -20.38 2.47 -9.70
N ALA A 117 -20.86 2.59 -10.93
CA ALA A 117 -20.13 2.10 -12.09
C ALA A 117 -18.89 3.01 -12.32
N PRO A 118 -17.80 2.43 -12.83
CA PRO A 118 -16.60 3.21 -13.08
C PRO A 118 -16.71 4.03 -14.37
N THR A 119 -16.09 5.21 -14.36
CA THR A 119 -16.02 6.06 -15.55
C THR A 119 -14.67 5.63 -16.14
N VAL A 120 -14.72 4.98 -17.29
CA VAL A 120 -13.54 4.46 -17.93
C VAL A 120 -13.05 5.36 -19.08
N SER A 121 -11.72 5.45 -19.25
CA SER A 121 -11.15 6.27 -20.31
C SER A 121 -9.92 5.62 -20.75
N ILE A 122 -9.73 5.60 -22.07
CA ILE A 122 -8.54 5.00 -22.67
C ILE A 122 -7.73 6.14 -23.37
N PHE A 123 -6.40 6.04 -23.42
CA PHE A 123 -5.56 7.08 -24.03
C PHE A 123 -4.45 6.46 -24.85
N PRO A 124 -4.35 6.84 -26.13
CA PRO A 124 -3.31 6.33 -27.04
C PRO A 124 -1.95 6.89 -26.58
N PRO A 125 -0.83 6.33 -27.06
CA PRO A 125 0.46 6.87 -26.66
C PRO A 125 0.59 8.28 -27.26
N SER A 126 1.31 9.17 -26.57
CA SER A 126 1.55 10.54 -27.05
C SER A 126 2.60 10.43 -28.15
N SER A 127 2.63 11.40 -29.05
CA SER A 127 3.61 11.41 -30.15
C SER A 127 4.99 11.52 -29.51
N GLU A 128 5.05 12.28 -28.42
CA GLU A 128 6.26 12.49 -27.60
C GLU A 128 6.92 11.15 -27.23
N GLN A 129 6.20 10.35 -26.44
CA GLN A 129 6.69 9.07 -26.03
C GLN A 129 7.20 8.20 -27.18
N LEU A 130 6.44 8.15 -28.27
CA LEU A 130 6.78 7.35 -29.44
C LEU A 130 8.05 7.83 -30.09
N THR A 131 8.30 9.14 -30.05
CA THR A 131 9.54 9.67 -30.64
C THR A 131 10.72 9.01 -29.92
N SER A 132 10.46 8.51 -28.71
CA SER A 132 11.46 7.84 -27.92
C SER A 132 11.38 6.32 -28.00
N GLY A 133 10.62 5.79 -28.95
CA GLY A 133 10.55 4.35 -29.10
C GLY A 133 9.72 3.51 -28.13
N GLY A 134 8.85 4.14 -27.35
CA GLY A 134 8.05 3.37 -26.42
C GLY A 134 6.61 3.79 -26.53
N ALA A 135 5.68 2.86 -26.23
CA ALA A 135 4.26 3.16 -26.33
C ALA A 135 3.45 2.62 -25.13
N SER A 136 2.94 3.52 -24.32
CA SER A 136 2.14 3.14 -23.15
C SER A 136 0.68 3.53 -23.40
N VAL A 137 -0.21 2.54 -23.42
CA VAL A 137 -1.64 2.82 -23.56
C VAL A 137 -2.14 2.91 -22.14
N VAL A 138 -2.92 3.94 -21.84
CA VAL A 138 -3.40 4.12 -20.48
C VAL A 138 -4.92 4.04 -20.41
N CYS A 139 -5.43 3.45 -19.33
CA CYS A 139 -6.85 3.31 -19.07
C CYS A 139 -7.11 3.68 -17.65
N PHE A 140 -7.94 4.71 -17.48
CA PHE A 140 -8.38 5.16 -16.19
C PHE A 140 -9.78 4.55 -15.92
N LEU A 141 -10.06 4.22 -14.67
CA LEU A 141 -11.35 3.68 -14.30
C LEU A 141 -11.48 4.31 -12.94
N ASN A 142 -12.17 5.43 -12.89
CA ASN A 142 -12.29 6.15 -11.65
C ASN A 142 -13.69 6.13 -11.09
N ASN A 143 -13.74 6.33 -9.78
CA ASN A 143 -14.98 6.48 -9.06
C ASN A 143 -15.95 5.32 -9.03
N PHE A 144 -15.44 4.10 -8.91
CA PHE A 144 -16.35 2.95 -8.80
C PHE A 144 -16.46 2.53 -7.34
N TYR A 145 -17.31 1.54 -7.10
CA TYR A 145 -17.52 0.96 -5.78
C TYR A 145 -18.49 -0.18 -5.97
N PRO A 146 -18.18 -1.33 -5.37
CA PRO A 146 -17.04 -1.69 -4.54
C PRO A 146 -15.71 -1.68 -5.29
N LYS A 147 -14.62 -1.79 -4.53
CA LYS A 147 -13.26 -1.81 -5.10
C LYS A 147 -13.03 -2.98 -6.04
N ASP A 148 -13.80 -4.04 -5.88
CA ASP A 148 -13.65 -5.21 -6.72
C ASP A 148 -13.95 -4.94 -8.18
N ILE A 149 -12.92 -5.08 -9.01
CA ILE A 149 -13.00 -4.84 -10.46
C ILE A 149 -11.89 -5.56 -11.25
N ASN A 150 -12.20 -6.08 -12.45
CA ASN A 150 -11.13 -6.70 -13.25
C ASN A 150 -11.00 -6.07 -14.63
N VAL A 151 -9.76 -5.71 -14.97
CA VAL A 151 -9.44 -5.10 -16.25
C VAL A 151 -8.72 -6.10 -17.13
N LYS A 152 -9.09 -6.08 -18.40
CA LYS A 152 -8.49 -6.92 -19.40
C LYS A 152 -8.11 -6.00 -20.59
N TRP A 153 -7.05 -6.35 -21.29
CA TRP A 153 -6.55 -5.59 -22.43
C TRP A 153 -6.61 -6.47 -23.65
N LYS A 154 -6.97 -5.88 -24.78
CA LYS A 154 -7.04 -6.64 -26.03
C LYS A 154 -6.42 -5.83 -27.16
N ILE A 155 -5.63 -6.50 -27.96
CA ILE A 155 -4.98 -5.86 -29.08
C ILE A 155 -5.44 -6.62 -30.33
N ASP A 156 -6.22 -5.95 -31.19
CA ASP A 156 -6.74 -6.58 -32.40
C ASP A 156 -7.55 -7.85 -31.98
N GLY A 157 -8.31 -7.71 -30.89
CA GLY A 157 -9.13 -8.80 -30.40
C GLY A 157 -8.54 -9.74 -29.37
N SER A 158 -7.31 -10.19 -29.56
CA SER A 158 -6.72 -11.09 -28.58
C SER A 158 -6.45 -10.40 -27.27
N GLU A 159 -6.59 -11.15 -26.19
CA GLU A 159 -6.34 -10.65 -24.85
C GLU A 159 -4.84 -10.55 -24.72
N ARG A 160 -4.40 -9.64 -23.87
CA ARG A 160 -2.97 -9.48 -23.65
C ARG A 160 -2.69 -9.49 -22.16
N GLN A 161 -1.68 -10.24 -21.75
CA GLN A 161 -1.36 -10.30 -20.33
C GLN A 161 -0.10 -9.48 -19.94
N ASN A 162 1.06 -9.87 -20.43
CA ASN A 162 2.33 -9.22 -20.10
C ASN A 162 2.41 -7.74 -20.49
N GLY A 163 3.10 -6.95 -19.68
CA GLY A 163 3.28 -5.53 -19.94
C GLY A 163 2.30 -4.61 -19.28
N VAL A 164 1.45 -5.16 -18.43
CA VAL A 164 0.45 -4.34 -17.77
C VAL A 164 0.89 -4.04 -16.35
N LEU A 165 0.57 -2.85 -15.88
CA LEU A 165 0.92 -2.38 -14.56
C LEU A 165 -0.31 -1.64 -14.09
N ASN A 166 -0.87 -2.06 -12.97
CA ASN A 166 -2.08 -1.40 -12.48
C ASN A 166 -1.75 -0.70 -11.16
N SER A 167 -2.53 0.30 -10.81
CA SER A 167 -2.36 0.99 -9.55
C SER A 167 -3.74 1.49 -9.16
N TRP A 168 -4.09 1.32 -7.89
CA TRP A 168 -5.39 1.77 -7.36
C TRP A 168 -5.21 2.82 -6.31
N THR A 169 -6.21 3.66 -6.16
CA THR A 169 -6.16 4.68 -5.14
C THR A 169 -6.80 4.03 -3.92
N ASP A 170 -6.81 4.75 -2.81
CA ASP A 170 -7.42 4.27 -1.60
C ASP A 170 -8.76 4.99 -1.60
N GLN A 171 -9.71 4.47 -0.84
CA GLN A 171 -11.04 5.06 -0.78
C GLN A 171 -10.91 6.56 -0.66
N ASP A 172 -11.55 7.27 -1.58
CA ASP A 172 -11.52 8.71 -1.64
C ASP A 172 -12.02 9.29 -0.34
N SER A 173 -11.27 10.27 0.18
CA SER A 173 -11.62 10.93 1.42
C SER A 173 -12.97 11.66 1.39
N LYS A 174 -13.50 11.93 0.19
CA LYS A 174 -14.76 12.67 0.07
C LYS A 174 -16.02 11.96 -0.42
N ASP A 175 -15.88 11.01 -1.34
CA ASP A 175 -17.05 10.31 -1.88
C ASP A 175 -17.02 8.77 -1.71
N SER A 176 -16.12 8.30 -0.87
CA SER A 176 -15.96 6.88 -0.55
C SER A 176 -15.73 5.93 -1.71
N THR A 177 -15.19 6.45 -2.81
CA THR A 177 -14.94 5.63 -4.00
C THR A 177 -13.50 5.26 -4.22
N TYR A 178 -13.26 4.42 -5.22
CA TYR A 178 -11.90 4.03 -5.58
C TYR A 178 -11.69 4.32 -7.06
N SER A 179 -10.42 4.39 -7.46
CA SER A 179 -10.07 4.62 -8.86
C SER A 179 -8.94 3.68 -9.15
N MET A 180 -8.68 3.41 -10.42
CA MET A 180 -7.64 2.49 -10.84
C MET A 180 -7.05 2.99 -12.16
N SER A 181 -5.80 2.62 -12.41
CA SER A 181 -5.09 2.95 -13.63
C SER A 181 -4.45 1.69 -14.13
N SER A 182 -4.65 1.39 -15.41
CA SER A 182 -4.07 0.24 -16.01
C SER A 182 -3.25 0.77 -17.20
N THR A 183 -1.98 0.40 -17.26
CA THR A 183 -1.13 0.88 -18.32
C THR A 183 -0.49 -0.30 -19.01
N LEU A 184 -0.60 -0.31 -20.34
CA LEU A 184 -0.01 -1.36 -21.15
C LEU A 184 1.14 -0.65 -21.86
N THR A 185 2.35 -1.18 -21.68
CA THR A 185 3.50 -0.55 -22.29
C THR A 185 4.06 -1.53 -23.28
N LEU A 186 4.29 -1.07 -24.50
CA LEU A 186 4.83 -1.90 -25.58
C LEU A 186 5.91 -1.13 -26.28
N THR A 187 6.61 -1.77 -27.21
CA THR A 187 7.62 -1.07 -28.00
C THR A 187 6.90 -0.32 -29.09
N LYS A 188 7.48 0.79 -29.56
CA LYS A 188 6.86 1.56 -30.65
C LYS A 188 6.54 0.60 -31.79
N ASP A 189 7.40 -0.38 -32.00
CA ASP A 189 7.20 -1.34 -33.07
C ASP A 189 5.93 -2.16 -32.90
N GLU A 190 5.73 -2.71 -31.71
CA GLU A 190 4.55 -3.50 -31.39
C GLU A 190 3.30 -2.64 -31.58
N TYR A 191 3.34 -1.44 -31.04
CA TYR A 191 2.22 -0.52 -31.17
C TYR A 191 1.85 -0.21 -32.64
N GLU A 192 2.85 -0.13 -33.51
CA GLU A 192 2.63 0.20 -34.91
C GLU A 192 2.32 -1.05 -35.72
N ARG A 193 2.38 -2.19 -35.04
CA ARG A 193 2.12 -3.49 -35.61
C ARG A 193 0.61 -3.80 -35.53
N HIS A 194 -0.05 -3.29 -34.48
CA HIS A 194 -1.47 -3.49 -34.27
C HIS A 194 -2.21 -2.17 -34.33
N ASN A 195 -3.52 -2.25 -34.47
CA ASN A 195 -4.34 -1.08 -34.65
C ASN A 195 -5.41 -0.89 -33.61
N SER A 196 -5.98 -2.01 -33.17
CA SER A 196 -7.08 -1.97 -32.22
C SER A 196 -6.64 -2.27 -30.79
N TYR A 197 -6.87 -1.32 -29.88
CA TYR A 197 -6.48 -1.52 -28.49
C TYR A 197 -7.70 -1.31 -27.66
N THR A 198 -8.04 -2.33 -26.88
CA THR A 198 -9.21 -2.29 -25.99
C THR A 198 -8.91 -2.49 -24.52
N CYS A 199 -9.62 -1.69 -23.72
CA CYS A 199 -9.52 -1.72 -22.30
C CYS A 199 -10.93 -2.15 -21.84
N GLU A 200 -11.01 -3.35 -21.26
CA GLU A 200 -12.30 -3.91 -20.86
C GLU A 200 -12.40 -4.10 -19.36
N ALA A 201 -13.36 -3.40 -18.75
CA ALA A 201 -13.61 -3.44 -17.30
C ALA A 201 -14.82 -4.28 -16.84
N THR A 202 -14.60 -5.16 -15.87
CA THR A 202 -15.69 -5.97 -15.30
C THR A 202 -15.95 -5.53 -13.86
N HIS A 203 -17.21 -5.18 -13.61
CA HIS A 203 -17.65 -4.70 -12.31
C HIS A 203 -19.11 -5.11 -12.00
N LYS A 204 -19.38 -5.40 -10.73
CA LYS A 204 -20.72 -5.83 -10.30
C LYS A 204 -21.86 -4.90 -10.68
N THR A 205 -21.55 -3.66 -11.01
CA THR A 205 -22.59 -2.71 -11.38
C THR A 205 -23.15 -2.99 -12.80
N SER A 206 -22.71 -4.10 -13.38
CA SER A 206 -23.20 -4.50 -14.69
C SER A 206 -22.70 -5.88 -15.11
N THR A 207 -23.53 -6.56 -15.91
CA THR A 207 -23.24 -7.89 -16.41
C THR A 207 -22.46 -7.70 -17.71
N SER A 208 -22.73 -6.59 -18.37
CA SER A 208 -22.06 -6.25 -19.61
C SER A 208 -20.69 -5.59 -19.31
N PRO A 209 -19.59 -6.10 -19.89
CA PRO A 209 -18.29 -5.49 -19.63
C PRO A 209 -18.26 -4.09 -20.17
N ILE A 210 -17.68 -3.15 -19.44
CA ILE A 210 -17.55 -1.80 -19.97
C ILE A 210 -16.32 -1.89 -20.88
N VAL A 211 -16.48 -1.44 -22.11
CA VAL A 211 -15.38 -1.50 -23.04
C VAL A 211 -15.04 -0.09 -23.52
N LYS A 212 -13.75 0.19 -23.59
CA LYS A 212 -13.22 1.45 -24.12
C LYS A 212 -12.20 1.00 -25.12
N SER A 213 -12.21 1.64 -26.27
CA SER A 213 -11.31 1.22 -27.33
C SER A 213 -10.97 2.41 -28.21
N PHE A 214 -9.92 2.26 -29.01
CA PHE A 214 -9.52 3.28 -29.97
C PHE A 214 -8.73 2.51 -31.02
N ASN A 215 -8.69 3.03 -32.23
CA ASN A 215 -7.94 2.42 -33.31
C ASN A 215 -6.77 3.37 -33.60
N ARG A 216 -5.56 2.82 -33.61
CA ARG A 216 -4.36 3.60 -33.88
C ARG A 216 -4.62 4.47 -35.11
N ASN A 217 -5.27 3.83 -36.09
CA ASN A 217 -5.73 4.33 -37.37
C ASN A 217 -5.22 3.54 -38.55
N GLU B 1 7.76 8.83 28.88
CA GLU B 1 9.07 8.31 29.38
C GLU B 1 9.54 7.12 28.58
N VAL B 2 8.61 6.24 28.20
CA VAL B 2 8.99 5.07 27.41
C VAL B 2 9.19 5.51 25.94
N LYS B 3 10.39 5.26 25.40
CA LYS B 3 10.72 5.65 24.04
C LYS B 3 11.55 4.60 23.28
N LEU B 4 11.18 4.37 22.01
CA LEU B 4 11.87 3.46 21.11
C LEU B 4 11.95 4.28 19.83
N VAL B 5 13.17 4.48 19.30
CA VAL B 5 13.35 5.30 18.09
C VAL B 5 14.31 4.59 17.16
N GLU B 6 13.79 4.18 16.00
CA GLU B 6 14.59 3.48 15.00
C GLU B 6 15.45 4.50 14.27
N SER B 7 16.40 4.01 13.49
CA SER B 7 17.30 4.85 12.72
C SER B 7 18.17 3.93 11.90
N GLY B 8 18.58 4.39 10.73
CA GLY B 8 19.44 3.57 9.90
C GLY B 8 18.85 3.30 8.56
N GLY B 9 17.63 3.77 8.35
CA GLY B 9 16.98 3.56 7.07
C GLY B 9 17.68 4.43 6.03
N GLY B 10 17.34 4.20 4.77
CA GLY B 10 17.93 4.94 3.68
C GLY B 10 17.90 4.06 2.45
N LEU B 11 18.77 4.31 1.50
CA LEU B 11 18.79 3.52 0.29
C LEU B 11 19.83 2.42 0.42
N GLY B 12 19.56 1.27 -0.18
CA GLY B 12 20.49 0.16 -0.11
C GLY B 12 20.63 -0.51 -1.45
N GLN B 13 21.73 -1.24 -1.62
CA GLN B 13 22.02 -1.96 -2.85
C GLN B 13 21.54 -3.41 -2.77
N PRO B 14 21.00 -3.94 -3.87
CA PRO B 14 20.55 -5.33 -3.87
C PRO B 14 21.77 -6.23 -3.62
N GLY B 15 21.75 -6.99 -2.54
CA GLY B 15 22.87 -7.84 -2.21
C GLY B 15 23.75 -7.10 -1.20
N GLY B 16 23.24 -5.97 -0.70
CA GLY B 16 23.99 -5.16 0.26
C GLY B 16 24.01 -5.69 1.68
N SER B 17 24.15 -4.80 2.66
CA SER B 17 24.24 -5.22 4.05
C SER B 17 23.93 -4.09 5.05
N LEU B 18 22.75 -3.49 4.97
CA LEU B 18 22.39 -2.40 5.88
C LEU B 18 22.12 -2.90 7.32
N ARG B 19 22.12 -1.99 8.28
CA ARG B 19 21.91 -2.34 9.69
C ARG B 19 21.13 -1.25 10.40
N LEU B 20 19.98 -1.64 10.98
CA LEU B 20 19.09 -0.71 11.68
C LEU B 20 19.32 -0.71 13.18
N SER B 21 18.95 0.40 13.81
CA SER B 21 19.10 0.54 15.24
C SER B 21 17.82 1.07 15.85
N CYS B 22 17.52 0.61 17.06
CA CYS B 22 16.34 1.00 17.80
C CYS B 22 16.82 1.23 19.23
N ALA B 23 16.91 2.50 19.56
CA ALA B 23 17.35 2.97 20.83
C ALA B 23 16.11 3.13 21.69
N THR B 24 16.24 2.88 22.99
CA THR B 24 15.11 2.94 23.92
C THR B 24 15.42 3.75 25.18
N SER B 25 14.37 4.08 25.94
CA SER B 25 14.57 4.83 27.15
C SER B 25 13.31 4.83 28.00
N GLY B 26 13.48 5.04 29.29
CA GLY B 26 12.35 5.14 30.17
C GLY B 26 11.86 3.87 30.79
N PHE B 27 12.55 2.77 30.55
CA PHE B 27 12.15 1.51 31.10
C PHE B 27 13.37 0.61 31.18
N THR B 28 13.26 -0.47 31.92
CA THR B 28 14.38 -1.38 32.06
C THR B 28 14.53 -2.32 30.88
N PHE B 29 15.26 -1.83 29.88
CA PHE B 29 15.55 -2.58 28.64
C PHE B 29 15.78 -4.09 28.78
N THR B 30 16.28 -4.53 29.92
CA THR B 30 16.59 -5.94 30.08
C THR B 30 15.35 -6.88 30.17
N ASP B 31 14.30 -6.37 30.79
CA ASP B 31 13.09 -7.11 31.00
C ASP B 31 12.17 -7.31 29.79
N TYR B 32 12.62 -6.92 28.61
CA TYR B 32 11.75 -7.01 27.44
C TYR B 32 12.20 -7.77 26.23
N TYR B 33 11.22 -8.33 25.53
CA TYR B 33 11.49 -8.99 24.24
C TYR B 33 11.45 -7.77 23.31
N PHE B 34 11.92 -7.95 22.09
CA PHE B 34 11.84 -6.84 21.16
C PHE B 34 11.48 -7.43 19.83
N ASN B 35 10.45 -6.87 19.22
CA ASN B 35 10.02 -7.34 17.92
C ASN B 35 10.48 -6.41 16.79
N TRP B 36 10.65 -6.98 15.61
CA TRP B 36 11.02 -6.23 14.43
C TRP B 36 9.97 -6.66 13.42
N ALA B 37 9.21 -5.69 12.91
CA ALA B 37 8.16 -5.92 11.91
C ALA B 37 8.34 -4.90 10.80
N ARG B 38 7.93 -5.23 9.57
CA ARG B 38 8.06 -4.29 8.45
C ARG B 38 6.79 -4.17 7.59
N GLN B 39 6.48 -2.96 7.15
CA GLN B 39 5.32 -2.80 6.28
C GLN B 39 5.76 -2.34 4.88
N PRO B 40 5.72 -3.26 3.91
CA PRO B 40 6.12 -2.92 2.54
C PRO B 40 5.11 -1.96 1.94
N PRO B 41 5.53 -1.16 0.93
CA PRO B 41 4.62 -0.21 0.28
C PRO B 41 3.42 -0.94 -0.34
N GLY B 42 2.23 -0.56 0.12
CA GLY B 42 1.01 -1.18 -0.37
C GLY B 42 0.71 -2.55 0.21
N LYS B 43 1.74 -3.31 0.58
CA LYS B 43 1.54 -4.62 1.16
C LYS B 43 1.20 -4.53 2.65
N ALA B 44 0.94 -5.69 3.27
CA ALA B 44 0.55 -5.71 4.68
C ALA B 44 1.71 -5.82 5.65
N LEU B 45 1.54 -5.22 6.83
CA LEU B 45 2.55 -5.26 7.89
C LEU B 45 2.93 -6.71 8.18
N GLU B 46 4.23 -6.98 8.22
CA GLU B 46 4.68 -8.32 8.49
C GLU B 46 5.66 -8.39 9.65
N TRP B 47 5.68 -9.53 10.32
CA TRP B 47 6.55 -9.80 11.46
C TRP B 47 7.82 -10.45 10.92
N LEU B 48 8.98 -9.95 11.33
CA LEU B 48 10.27 -10.47 10.89
C LEU B 48 10.90 -11.42 11.91
N GLY B 49 10.95 -11.01 13.18
CA GLY B 49 11.53 -11.83 14.23
C GLY B 49 11.54 -11.14 15.58
N PHE B 50 12.05 -11.82 16.60
CA PHE B 50 12.16 -11.19 17.91
C PHE B 50 13.35 -11.73 18.69
N ILE B 51 13.71 -11.01 19.74
CA ILE B 51 14.80 -11.44 20.60
C ILE B 51 14.17 -11.45 22.01
N ARG B 52 14.50 -12.50 22.77
CA ARG B 52 13.97 -12.70 24.10
C ARG B 52 14.73 -11.94 25.17
N ASN B 53 14.06 -11.80 26.30
CA ASN B 53 14.56 -11.10 27.49
C ASN B 53 15.76 -11.79 28.13
N LYS B 54 16.23 -11.18 29.22
CA LYS B 54 17.36 -11.68 30.01
C LYS B 54 16.98 -13.04 30.62
N ALA B 55 15.83 -13.08 31.28
CA ALA B 55 15.35 -14.31 31.91
C ALA B 55 15.35 -15.49 30.94
N LYS B 56 14.82 -15.27 29.73
CA LYS B 56 14.77 -16.33 28.72
C LYS B 56 16.04 -16.38 27.86
N GLY B 57 17.07 -15.67 28.33
CA GLY B 57 18.37 -15.67 27.68
C GLY B 57 18.73 -15.00 26.37
N TYR B 58 18.03 -13.96 25.98
CA TYR B 58 18.35 -13.27 24.73
C TYR B 58 18.40 -14.18 23.50
N THR B 59 17.48 -15.13 23.43
CA THR B 59 17.44 -16.02 22.29
C THR B 59 16.58 -15.31 21.26
N THR B 60 17.00 -15.36 20.01
CA THR B 60 16.26 -14.70 18.95
C THR B 60 15.43 -15.71 18.19
N GLU B 61 14.51 -15.20 17.39
CA GLU B 61 13.64 -16.03 16.56
C GLU B 61 13.43 -15.18 15.33
N TYR B 62 13.35 -15.81 14.16
CA TYR B 62 13.12 -15.07 12.91
C TYR B 62 12.10 -15.78 12.06
N SER B 63 11.57 -15.08 11.06
CA SER B 63 10.60 -15.65 10.15
C SER B 63 11.36 -16.46 9.11
N ALA B 64 10.63 -17.24 8.31
CA ALA B 64 11.27 -18.06 7.29
C ALA B 64 11.80 -17.21 6.15
N SER B 65 11.43 -15.95 6.15
CA SER B 65 11.88 -15.05 5.10
C SER B 65 13.25 -14.53 5.52
N VAL B 66 13.28 -13.69 6.54
CA VAL B 66 14.53 -13.13 7.00
C VAL B 66 15.52 -14.21 7.45
N LYS B 67 15.04 -15.46 7.58
CA LYS B 67 15.93 -16.52 8.02
C LYS B 67 17.07 -16.65 7.04
N GLY B 68 18.27 -16.76 7.61
CA GLY B 68 19.45 -16.89 6.81
C GLY B 68 19.97 -15.55 6.35
N ARG B 69 19.18 -14.47 6.43
CA ARG B 69 19.64 -13.17 5.96
C ARG B 69 19.68 -12.03 6.97
N PHE B 70 18.79 -12.03 7.95
CA PHE B 70 18.77 -10.97 8.96
C PHE B 70 19.21 -11.52 10.32
N THR B 71 19.50 -10.64 11.26
CA THR B 71 19.92 -11.09 12.56
C THR B 71 19.63 -10.00 13.55
N ILE B 72 18.94 -10.36 14.63
CA ILE B 72 18.58 -9.42 15.68
C ILE B 72 19.68 -9.45 16.73
N SER B 73 19.96 -8.30 17.31
CA SER B 73 20.95 -8.22 18.37
C SER B 73 20.53 -7.06 19.26
N ARG B 74 21.14 -6.98 20.43
CA ARG B 74 20.80 -5.93 21.38
C ARG B 74 22.01 -5.58 22.23
N ASP B 75 22.05 -4.33 22.66
CA ASP B 75 23.11 -3.81 23.51
C ASP B 75 22.46 -3.66 24.88
N ASN B 76 22.51 -4.73 25.64
CA ASN B 76 21.90 -4.79 26.96
C ASN B 76 22.36 -3.68 27.88
N SER B 77 23.62 -3.30 27.74
CA SER B 77 24.19 -2.24 28.58
C SER B 77 23.83 -0.82 28.16
N GLN B 78 23.56 -0.61 26.87
CA GLN B 78 23.18 0.72 26.36
C GLN B 78 21.70 0.89 26.01
N GLY B 79 21.01 -0.23 25.83
CA GLY B 79 19.60 -0.20 25.52
C GLY B 79 19.30 0.06 24.05
N ILE B 80 20.06 -0.58 23.17
CA ILE B 80 19.87 -0.41 21.73
C ILE B 80 19.71 -1.76 21.04
N LEU B 81 18.58 -1.93 20.39
CA LEU B 81 18.25 -3.14 19.65
C LEU B 81 18.76 -2.88 18.24
N TYR B 82 19.28 -3.91 17.57
CA TYR B 82 19.81 -3.74 16.23
C TYR B 82 19.24 -4.79 15.30
N LEU B 83 19.16 -4.44 14.02
CA LEU B 83 18.67 -5.32 12.98
C LEU B 83 19.65 -5.26 11.83
N GLN B 84 20.60 -6.19 11.83
CA GLN B 84 21.59 -6.27 10.78
C GLN B 84 20.94 -7.06 9.66
N MET B 85 20.80 -6.43 8.50
CA MET B 85 20.21 -7.05 7.32
C MET B 85 21.24 -7.22 6.23
N ASN B 86 21.48 -8.46 5.82
CA ASN B 86 22.44 -8.77 4.78
C ASN B 86 21.74 -9.28 3.52
N THR B 87 22.53 -9.57 2.49
CA THR B 87 22.03 -10.07 1.21
C THR B 87 20.73 -9.39 0.78
N LEU B 88 20.65 -8.08 1.01
CA LEU B 88 19.48 -7.27 0.69
C LEU B 88 18.89 -7.51 -0.69
N ARG B 89 17.62 -7.18 -0.83
CA ARG B 89 16.93 -7.30 -2.11
C ARG B 89 15.79 -6.31 -2.25
N ALA B 90 15.30 -6.16 -3.48
CA ALA B 90 14.23 -5.21 -3.72
C ALA B 90 13.04 -5.43 -2.79
N GLU B 91 12.70 -6.69 -2.54
CA GLU B 91 11.56 -7.05 -1.69
C GLU B 91 11.70 -6.56 -0.25
N ASP B 92 12.90 -6.14 0.12
CA ASP B 92 13.15 -5.66 1.46
C ASP B 92 12.84 -4.20 1.71
N SER B 93 12.21 -3.56 0.73
CA SER B 93 11.82 -2.15 0.83
C SER B 93 10.54 -2.03 1.63
N ALA B 94 10.65 -1.44 2.82
CA ALA B 94 9.50 -1.29 3.70
C ALA B 94 9.86 -0.29 4.76
N THR B 95 8.96 -0.11 5.74
CA THR B 95 9.24 0.78 6.85
C THR B 95 9.34 -0.17 8.02
N TYR B 96 10.46 -0.05 8.73
CA TYR B 96 10.80 -0.89 9.84
C TYR B 96 10.42 -0.30 11.13
N TYR B 97 9.77 -1.14 11.94
CA TYR B 97 9.29 -0.80 13.26
C TYR B 97 9.85 -1.77 14.24
N CYS B 98 10.16 -1.26 15.41
CA CYS B 98 10.65 -2.06 16.50
C CYS B 98 9.60 -1.84 17.59
N ALA B 99 9.42 -2.84 18.44
CA ALA B 99 8.46 -2.76 19.54
C ALA B 99 8.96 -3.62 20.68
N ARG B 100 8.55 -3.30 21.91
CA ARG B 100 8.93 -4.10 23.08
C ARG B 100 7.70 -4.94 23.46
N TRP B 101 7.92 -6.21 23.75
CA TRP B 101 6.81 -7.06 24.18
C TRP B 101 7.00 -7.45 25.65
N GLY B 102 5.94 -7.36 26.44
CA GLY B 102 6.02 -7.71 27.85
C GLY B 102 4.65 -8.04 28.42
N SER B 103 4.39 -7.57 29.63
CA SER B 103 3.13 -7.80 30.34
C SER B 103 1.89 -7.20 29.66
N TYR B 104 2.11 -6.42 28.61
CA TYR B 104 1.03 -5.78 27.91
C TYR B 104 1.28 -5.86 26.42
N ALA B 105 1.89 -6.97 25.99
CA ALA B 105 2.17 -7.21 24.56
C ALA B 105 3.07 -6.12 23.95
N MET B 106 2.94 -5.85 22.63
CA MET B 106 3.71 -4.79 21.95
C MET B 106 2.99 -3.46 22.20
N ASP B 107 3.12 -2.97 23.42
CA ASP B 107 2.47 -1.73 23.82
C ASP B 107 3.15 -0.42 23.40
N TYR B 108 4.42 -0.54 22.98
CA TYR B 108 5.18 0.62 22.55
C TYR B 108 5.92 0.22 21.31
N TRP B 109 5.67 0.95 20.24
CA TRP B 109 6.31 0.72 18.96
C TRP B 109 7.20 1.91 18.66
N GLY B 110 8.15 1.75 17.77
CA GLY B 110 8.94 2.91 17.42
C GLY B 110 8.11 3.76 16.47
N GLN B 111 8.76 4.65 15.71
CA GLN B 111 8.04 5.49 14.75
C GLN B 111 8.34 5.06 13.36
N GLY B 112 9.28 4.14 13.20
CA GLY B 112 9.66 3.62 11.90
C GLY B 112 10.90 4.22 11.23
N THR B 113 11.47 3.47 10.29
CA THR B 113 12.64 3.86 9.50
C THR B 113 12.44 3.25 8.10
N SER B 114 12.52 4.08 7.06
CA SER B 114 12.30 3.63 5.69
C SER B 114 13.53 3.21 4.93
N VAL B 115 13.40 2.06 4.29
CA VAL B 115 14.45 1.49 3.47
C VAL B 115 13.89 1.21 2.06
N THR B 116 14.71 1.48 1.06
CA THR B 116 14.38 1.25 -0.35
C THR B 116 15.59 0.49 -0.84
N VAL B 117 15.37 -0.60 -1.56
CA VAL B 117 16.50 -1.40 -2.05
C VAL B 117 16.50 -1.40 -3.55
N SER B 118 17.36 -0.53 -4.11
CA SER B 118 17.45 -0.37 -5.55
C SER B 118 18.87 -0.27 -6.10
N SER B 119 18.99 -0.73 -7.35
CA SER B 119 20.24 -0.70 -8.11
C SER B 119 20.17 0.48 -9.08
N ALA B 120 19.19 1.35 -8.83
CA ALA B 120 18.96 2.52 -9.65
C ALA B 120 19.65 3.75 -9.04
N LYS B 121 19.98 4.70 -9.92
CA LYS B 121 20.59 5.98 -9.56
C LYS B 121 19.58 7.05 -9.88
N THR B 122 19.77 8.26 -9.37
CA THR B 122 18.80 9.33 -9.64
C THR B 122 18.51 9.45 -11.14
N THR B 123 17.24 9.44 -11.50
CA THR B 123 16.85 9.48 -12.90
C THR B 123 15.70 10.44 -13.09
N PRO B 124 15.83 11.37 -14.04
CA PRO B 124 14.74 12.34 -14.26
C PRO B 124 13.53 11.68 -14.95
N PRO B 125 12.32 12.07 -14.58
CA PRO B 125 11.08 11.56 -15.14
C PRO B 125 10.68 12.03 -16.54
N SER B 126 10.06 11.14 -17.31
CA SER B 126 9.57 11.50 -18.63
C SER B 126 8.10 11.80 -18.38
N VAL B 127 7.62 12.90 -18.93
CA VAL B 127 6.24 13.33 -18.75
C VAL B 127 5.51 13.43 -20.07
N TYR B 128 4.44 12.66 -20.19
CA TYR B 128 3.62 12.63 -21.40
C TYR B 128 2.18 13.04 -21.14
N PRO B 129 1.61 13.91 -21.99
CA PRO B 129 0.22 14.30 -21.77
C PRO B 129 -0.68 13.19 -22.31
N LEU B 130 -1.78 12.90 -21.63
CA LEU B 130 -2.71 11.87 -22.09
C LEU B 130 -3.96 12.60 -22.53
N ALA B 131 -4.15 12.67 -23.84
CA ALA B 131 -5.32 13.33 -24.39
C ALA B 131 -6.24 12.26 -24.92
N PRO B 132 -7.55 12.49 -24.83
CA PRO B 132 -8.63 11.60 -25.27
C PRO B 132 -8.73 11.24 -26.76
N GLY B 133 -9.85 11.58 -27.36
CA GLY B 133 -10.07 11.27 -28.76
C GLY B 133 -11.54 11.45 -29.05
N SER B 134 -12.06 10.56 -29.90
CA SER B 134 -13.46 10.57 -30.36
C SER B 134 -14.53 10.65 -29.26
N ALA B 135 -14.10 10.54 -28.01
CA ALA B 135 -14.98 10.63 -26.85
C ALA B 135 -14.09 11.05 -25.69
N ALA B 136 -14.60 11.99 -24.88
CA ALA B 136 -13.88 12.53 -23.74
C ALA B 136 -13.97 11.62 -22.50
N GLN B 137 -15.19 11.15 -22.24
CA GLN B 137 -15.55 10.27 -21.12
C GLN B 137 -16.10 10.95 -19.87
N THR B 138 -17.42 10.81 -19.73
CA THR B 138 -18.32 11.30 -18.67
C THR B 138 -19.38 12.21 -19.30
N ASN B 139 -20.50 12.36 -18.59
CA ASN B 139 -21.63 13.20 -19.00
C ASN B 139 -21.17 14.66 -19.09
N SER B 140 -20.88 15.11 -20.32
CA SER B 140 -20.40 16.48 -20.57
C SER B 140 -19.12 16.82 -19.81
N MET B 141 -18.38 15.79 -19.41
CA MET B 141 -17.13 15.97 -18.68
C MET B 141 -16.03 15.27 -19.44
N VAL B 142 -14.82 15.79 -19.34
CA VAL B 142 -13.68 15.20 -20.04
C VAL B 142 -12.58 14.84 -19.04
N THR B 143 -12.01 13.66 -19.24
CA THR B 143 -10.93 13.21 -18.39
C THR B 143 -9.63 13.21 -19.18
N LEU B 144 -8.68 13.99 -18.68
CA LEU B 144 -7.38 14.12 -19.29
C LEU B 144 -6.44 13.43 -18.34
N GLY B 145 -5.19 13.24 -18.74
CA GLY B 145 -4.24 12.61 -17.85
C GLY B 145 -2.81 13.00 -18.14
N CYS B 146 -1.91 12.61 -17.25
CA CYS B 146 -0.49 12.88 -17.39
C CYS B 146 0.27 11.66 -16.89
N LEU B 147 1.08 11.11 -17.74
CA LEU B 147 1.89 9.95 -17.41
C LEU B 147 3.28 10.46 -17.00
N VAL B 148 3.74 10.07 -15.81
CA VAL B 148 5.05 10.45 -15.26
C VAL B 148 5.83 9.17 -15.05
N LYS B 149 6.66 8.80 -16.03
CA LYS B 149 7.40 7.56 -15.96
C LYS B 149 8.93 7.63 -16.01
N GLY B 150 9.55 6.54 -15.57
CA GLY B 150 10.99 6.40 -15.58
C GLY B 150 11.81 7.16 -14.56
N TYR B 151 11.18 7.65 -13.50
CA TYR B 151 11.92 8.39 -12.48
C TYR B 151 12.40 7.53 -11.31
N PHE B 152 13.29 8.15 -10.53
CA PHE B 152 13.88 7.56 -9.33
C PHE B 152 14.68 8.67 -8.63
N PRO B 153 14.54 8.82 -7.30
CA PRO B 153 13.73 8.09 -6.35
C PRO B 153 12.40 8.81 -6.22
N GLU B 154 11.53 8.31 -5.35
CA GLU B 154 10.25 8.93 -5.08
C GLU B 154 10.66 10.17 -4.30
N PRO B 155 9.86 11.23 -4.37
CA PRO B 155 8.62 11.28 -5.12
C PRO B 155 8.68 12.28 -6.27
N VAL B 156 7.48 12.61 -6.76
CA VAL B 156 7.25 13.59 -7.80
C VAL B 156 5.96 14.26 -7.34
N THR B 157 5.77 15.51 -7.73
CA THR B 157 4.55 16.21 -7.34
C THR B 157 3.92 16.56 -8.65
N VAL B 158 2.67 16.16 -8.82
CA VAL B 158 1.95 16.45 -10.03
C VAL B 158 0.90 17.46 -9.64
N THR B 159 0.73 18.51 -10.42
CA THR B 159 -0.29 19.49 -10.13
C THR B 159 -1.01 19.89 -11.41
N TRP B 160 -2.25 20.33 -11.31
CA TRP B 160 -3.03 20.73 -12.49
C TRP B 160 -3.35 22.22 -12.51
N ASN B 161 -2.79 22.91 -13.50
CA ASN B 161 -2.96 24.35 -13.64
C ASN B 161 -2.40 25.07 -12.43
N SER B 162 -1.23 24.63 -11.98
CA SER B 162 -0.51 25.23 -10.86
C SER B 162 -1.22 25.11 -9.54
N GLY B 163 -2.23 24.24 -9.46
CA GLY B 163 -2.95 24.06 -8.20
C GLY B 163 -4.38 24.54 -8.32
N SER B 164 -4.73 25.12 -9.46
CA SER B 164 -6.09 25.59 -9.68
C SER B 164 -7.00 24.38 -9.74
N LEU B 165 -6.70 23.47 -10.67
CA LEU B 165 -7.51 22.27 -10.81
C LEU B 165 -7.18 21.35 -9.65
N SER B 166 -7.94 21.47 -8.58
CA SER B 166 -7.75 20.67 -7.39
C SER B 166 -8.82 19.59 -7.27
N SER B 167 -10.03 19.94 -7.71
CA SER B 167 -11.14 19.01 -7.69
C SER B 167 -11.14 18.17 -8.96
N GLY B 168 -11.50 16.89 -8.81
CA GLY B 168 -11.57 16.00 -9.95
C GLY B 168 -10.24 15.38 -10.35
N VAL B 169 -9.27 15.46 -9.44
CA VAL B 169 -7.92 14.94 -9.64
C VAL B 169 -7.67 13.61 -8.89
N HIS B 170 -6.96 12.70 -9.55
CA HIS B 170 -6.55 11.43 -8.97
C HIS B 170 -5.10 11.23 -9.31
N THR B 171 -4.22 11.18 -8.31
CA THR B 171 -2.83 10.88 -8.61
C THR B 171 -2.72 9.45 -8.06
N PHE B 172 -2.39 8.48 -8.92
CA PHE B 172 -2.24 7.10 -8.51
C PHE B 172 -0.83 6.81 -7.99
N PRO B 173 -0.73 5.93 -6.98
CA PRO B 173 0.52 5.50 -6.35
C PRO B 173 1.52 4.97 -7.36
N ALA B 174 2.77 5.41 -7.29
CA ALA B 174 3.80 4.95 -8.22
C ALA B 174 4.02 3.46 -8.15
N VAL B 175 4.40 2.91 -9.28
CA VAL B 175 4.64 1.49 -9.44
C VAL B 175 6.06 1.32 -10.00
N LEU B 176 6.71 0.21 -9.67
CA LEU B 176 8.05 0.00 -10.17
C LEU B 176 8.03 -0.81 -11.48
N GLN B 177 8.87 -0.38 -12.42
CA GLN B 177 9.00 -1.04 -13.71
C GLN B 177 10.49 -0.97 -13.99
N SER B 178 11.18 -2.06 -13.66
CA SER B 178 12.63 -2.18 -13.84
C SER B 178 13.43 -1.05 -13.16
N ASP B 179 13.37 -1.03 -11.82
CA ASP B 179 14.05 -0.04 -10.96
C ASP B 179 13.51 1.37 -10.89
N LEU B 180 12.78 1.79 -11.91
CA LEU B 180 12.26 3.14 -11.89
C LEU B 180 10.78 3.10 -11.58
N TYR B 181 10.24 4.25 -11.20
CA TYR B 181 8.84 4.38 -10.88
C TYR B 181 8.10 5.02 -12.04
N THR B 182 6.79 4.79 -12.06
CA THR B 182 5.91 5.37 -13.06
C THR B 182 4.68 5.74 -12.30
N LEU B 183 4.15 6.90 -12.58
CA LEU B 183 2.98 7.41 -11.92
C LEU B 183 2.08 8.08 -12.99
N SER B 184 0.78 8.14 -12.77
CA SER B 184 -0.10 8.78 -13.75
C SER B 184 -1.08 9.57 -12.96
N SER B 185 -1.56 10.65 -13.53
CA SER B 185 -2.54 11.49 -12.84
C SER B 185 -3.65 11.81 -13.80
N SER B 186 -4.87 11.93 -13.27
CA SER B 186 -6.01 12.23 -14.12
C SER B 186 -6.79 13.38 -13.52
N VAL B 187 -7.53 14.06 -14.38
CA VAL B 187 -8.36 15.17 -13.93
C VAL B 187 -9.60 15.17 -14.82
N THR B 188 -10.72 15.60 -14.24
CA THR B 188 -11.97 15.67 -14.97
C THR B 188 -12.44 17.09 -14.91
N VAL B 189 -12.62 17.68 -16.10
CA VAL B 189 -13.11 19.06 -16.26
C VAL B 189 -14.34 19.03 -17.17
N PRO B 190 -15.23 20.03 -17.09
CA PRO B 190 -16.41 20.01 -17.97
C PRO B 190 -15.91 20.13 -19.41
N SER B 191 -16.70 19.65 -20.37
CA SER B 191 -16.27 19.74 -21.77
C SER B 191 -16.18 21.19 -22.25
N SER B 192 -16.83 22.11 -21.53
CA SER B 192 -16.78 23.50 -21.87
C SER B 192 -15.38 24.13 -21.78
N PRO B 193 -14.58 23.82 -20.71
CA PRO B 193 -13.23 24.35 -20.50
C PRO B 193 -12.11 23.72 -21.32
N ARG B 194 -12.33 22.54 -21.87
CA ARG B 194 -11.28 21.98 -22.70
C ARG B 194 -11.96 21.41 -23.94
N PRO B 195 -11.35 21.56 -25.11
CA PRO B 195 -10.05 22.22 -25.27
C PRO B 195 -10.02 23.74 -25.42
N SER B 196 -11.13 24.43 -25.20
CA SER B 196 -11.10 25.89 -25.34
C SER B 196 -10.13 26.52 -24.35
N GLU B 197 -10.14 26.07 -23.10
CA GLU B 197 -9.18 26.58 -22.13
C GLU B 197 -7.92 25.77 -22.22
N THR B 198 -7.01 26.05 -21.30
CA THR B 198 -5.73 25.38 -21.24
C THR B 198 -5.67 24.55 -19.96
N VAL B 199 -5.19 23.33 -20.09
CA VAL B 199 -5.05 22.44 -18.97
C VAL B 199 -3.62 21.99 -19.05
N THR B 200 -2.89 22.22 -17.96
CA THR B 200 -1.47 21.87 -17.86
C THR B 200 -1.21 21.13 -16.57
N CYS B 201 -0.44 20.06 -16.67
CA CYS B 201 -0.05 19.28 -15.51
C CYS B 201 1.42 19.65 -15.26
N ASN B 202 1.71 19.97 -14.00
CA ASN B 202 3.03 20.37 -13.54
C ASN B 202 3.65 19.21 -12.75
N VAL B 203 4.78 18.71 -13.21
CA VAL B 203 5.47 17.61 -12.56
C VAL B 203 6.86 18.00 -12.01
N ALA B 204 7.01 17.94 -10.69
CA ALA B 204 8.29 18.26 -10.07
C ALA B 204 8.96 17.05 -9.43
N HIS B 205 10.20 16.77 -9.85
CA HIS B 205 10.98 15.67 -9.32
C HIS B 205 12.18 16.30 -8.62
N PRO B 206 12.01 16.76 -7.38
CA PRO B 206 13.11 17.37 -6.64
C PRO B 206 14.49 16.69 -6.73
N ALA B 207 14.57 15.38 -6.54
CA ALA B 207 15.85 14.68 -6.60
C ALA B 207 16.71 14.92 -7.82
N SER B 208 16.13 15.47 -8.89
CA SER B 208 16.88 15.77 -10.10
C SER B 208 16.57 17.21 -10.55
N SER B 209 16.05 18.01 -9.64
CA SER B 209 15.77 19.40 -9.92
C SER B 209 14.88 19.63 -11.13
N THR B 210 14.06 18.65 -11.52
CA THR B 210 13.19 18.93 -12.66
C THR B 210 11.83 19.46 -12.26
N LYS B 211 11.22 20.17 -13.19
CA LYS B 211 9.91 20.76 -13.00
C LYS B 211 9.43 20.92 -14.43
N VAL B 212 8.63 19.97 -14.90
CA VAL B 212 8.11 20.01 -16.26
C VAL B 212 6.64 20.43 -16.19
N ASP B 213 6.23 21.26 -17.13
CA ASP B 213 4.83 21.68 -17.20
C ASP B 213 4.36 21.17 -18.56
N LYS B 214 3.40 20.25 -18.57
CA LYS B 214 2.91 19.72 -19.84
C LYS B 214 1.50 20.19 -20.16
N LYS B 215 1.34 20.84 -21.31
CA LYS B 215 0.04 21.31 -21.74
C LYS B 215 -0.69 20.10 -22.28
N ILE B 216 -1.90 19.88 -21.80
CA ILE B 216 -2.67 18.76 -22.32
C ILE B 216 -3.26 19.38 -23.57
N VAL B 217 -3.07 18.71 -24.70
CA VAL B 217 -3.56 19.28 -25.93
C VAL B 217 -4.21 18.24 -26.83
N PRO B 218 -5.37 18.58 -27.40
CA PRO B 218 -6.03 17.61 -28.27
C PRO B 218 -5.19 17.47 -29.51
#